data_4HU0
#
_entry.id   4HU0
#
_cell.length_a   136.924
_cell.length_b   136.924
_cell.length_c   136.924
_cell.angle_alpha   90.00
_cell.angle_beta   90.00
_cell.angle_gamma   90.00
#
_symmetry.space_group_name_H-M   'P 21 3'
#
loop_
_entity.id
_entity.type
_entity.pdbx_description
1 polymer Cellulase
2 branched beta-D-glucopyranose-(1-4)-beta-D-glucopyranose-(1-4)-beta-D-glucopyranose-(1-4)-beta-D-glucopyranose
3 non-polymer GLYCEROL
4 water water
#
_entity_poly.entity_id   1
_entity_poly.type   'polypeptide(L)'
_entity_poly.pdbx_seq_one_letter_code
;(MSE)GSSHHHHHHSSGLVPRGSH(MSE)DNAWETTSGWWNASDIPAFDKSKITRQLPLIKVEGNRFVDEQGKTIVFRGV
NISDPDKIDKDKRFSKKHFEVIRSWGANVVRVPVHPRAWKERGVKGYLELLDQVVAWNNELGIYTILDWHSIGNLKSE
(MSE)FQNNSYHTTKGETFDFWRRVSERYNGINSVAFYEIFNEPTVFNGRLGIATWAEWKAINEEAITIIQAHNPKAIAL
VAGFNWAYDLKEAAANPIDRQNIAYVSHPYPQKVGAPYQANWERDFGF(MSE)ADKYPVFATEIGYQRATDKGAHIPVID
DGSYGPRITDYFNSKGISWVAWVFDPDWSPQLFTDYQTYTPT(MSE)QGEHFRKV(MSE)LQDNK
;
_entity_poly.pdbx_strand_id   A
#
# COMPACT_ATOMS: atom_id res chain seq x y z
N GLY A 30 -14.22 7.79 -19.50
CA GLY A 30 -13.26 7.02 -18.61
C GLY A 30 -11.83 6.72 -19.17
N TRP A 31 -11.26 5.58 -18.69
CA TRP A 31 -9.99 4.93 -19.14
C TRP A 31 -9.97 4.45 -20.61
N TRP A 32 -11.14 4.01 -21.10
CA TRP A 32 -11.37 3.50 -22.44
C TRP A 32 -11.53 4.65 -23.47
N ASN A 33 -11.43 5.91 -22.99
CA ASN A 33 -11.54 7.15 -23.80
C ASN A 33 -10.21 7.86 -23.91
N ALA A 34 -9.41 7.79 -22.84
CA ALA A 34 -8.12 8.47 -22.69
C ALA A 34 -7.29 8.75 -24.00
N SER A 35 -7.16 10.04 -24.38
CA SER A 35 -6.47 10.44 -25.62
C SER A 35 -5.05 10.93 -25.30
N ASP A 36 -4.06 10.39 -26.09
CA ASP A 36 -2.56 10.69 -26.07
C ASP A 36 -2.01 11.31 -24.72
N ILE A 37 -1.66 10.36 -23.84
CA ILE A 37 -1.12 10.65 -22.53
C ILE A 37 0.41 10.81 -22.71
N PRO A 38 1.01 11.92 -22.20
CA PRO A 38 2.48 11.94 -22.44
C PRO A 38 3.22 10.82 -21.62
N ALA A 39 4.46 10.58 -22.02
CA ALA A 39 5.33 9.71 -21.27
C ALA A 39 5.77 10.43 -19.98
N PHE A 40 6.14 9.65 -18.99
CA PHE A 40 6.81 10.23 -17.85
C PHE A 40 7.93 11.23 -18.22
N ASP A 41 7.93 12.39 -17.58
CA ASP A 41 8.96 13.39 -17.83
C ASP A 41 10.29 13.12 -17.04
N LYS A 42 11.25 12.56 -17.76
CA LYS A 42 12.49 12.03 -17.20
C LYS A 42 13.28 13.17 -16.51
N SER A 43 13.03 14.40 -16.91
CA SER A 43 13.79 15.50 -16.32
C SER A 43 13.30 15.78 -14.89
N LYS A 44 12.21 15.15 -14.45
CA LYS A 44 11.76 15.40 -13.10
C LYS A 44 12.59 14.64 -12.02
N ILE A 45 13.41 13.70 -12.46
CA ILE A 45 14.22 12.95 -11.51
C ILE A 45 15.68 13.05 -11.90
N THR A 46 16.59 12.89 -10.96
CA THR A 46 17.99 13.02 -11.32
C THR A 46 18.80 11.84 -10.78
N ARG A 47 18.19 10.86 -10.14
CA ARG A 47 18.99 9.76 -9.54
C ARG A 47 18.20 8.43 -9.66
N GLN A 48 18.89 7.31 -9.55
CA GLN A 48 18.22 6.02 -9.63
C GLN A 48 18.37 5.40 -8.22
N LEU A 49 17.31 5.08 -7.50
CA LEU A 49 17.53 4.44 -6.17
C LEU A 49 18.01 2.96 -6.41
N PRO A 50 18.59 2.32 -5.40
CA PRO A 50 18.91 0.88 -5.65
C PRO A 50 17.77 0.00 -6.00
N LEU A 51 18.03 -0.98 -6.86
CA LEU A 51 17.05 -1.97 -7.23
C LEU A 51 16.62 -2.85 -6.08
N ILE A 52 15.32 -2.99 -5.80
CA ILE A 52 14.89 -3.96 -4.81
C ILE A 52 14.38 -5.23 -5.45
N LYS A 53 14.69 -6.37 -4.84
CA LYS A 53 14.05 -7.57 -5.33
C LYS A 53 13.72 -8.50 -4.21
N VAL A 54 12.94 -9.55 -4.48
CA VAL A 54 12.55 -10.56 -3.54
C VAL A 54 13.57 -11.67 -3.63
N GLU A 55 14.07 -12.14 -2.49
CA GLU A 55 14.89 -13.36 -2.49
C GLU A 55 14.38 -14.21 -1.31
N GLY A 56 13.85 -15.41 -1.61
CA GLY A 56 13.08 -16.20 -0.64
C GLY A 56 12.06 -15.35 0.14
N ASN A 57 12.25 -15.22 1.45
CA ASN A 57 11.25 -14.53 2.24
C ASN A 57 11.63 -13.09 2.50
N ARG A 58 12.63 -12.56 1.83
CA ARG A 58 13.12 -11.17 2.16
C ARG A 58 13.08 -10.20 0.98
N PHE A 59 12.95 -8.90 1.25
CA PHE A 59 13.37 -7.95 0.25
C PHE A 59 14.87 -7.71 0.35
N VAL A 60 15.58 -7.72 -0.79
CA VAL A 60 17.00 -7.50 -0.67
C VAL A 60 17.40 -6.44 -1.71
N ASP A 61 18.51 -5.76 -1.46
CA ASP A 61 19.06 -4.83 -2.45
C ASP A 61 20.04 -5.53 -3.37
N GLU A 62 20.70 -4.69 -4.14
CA GLU A 62 21.71 -5.01 -5.18
CA GLU A 62 21.51 -5.27 -5.22
C GLU A 62 22.84 -5.97 -4.66
N GLN A 63 23.38 -5.58 -3.48
CA GLN A 63 24.37 -6.37 -2.66
C GLN A 63 23.80 -7.64 -1.91
N GLY A 64 22.53 -8.00 -2.07
CA GLY A 64 21.94 -9.02 -1.17
C GLY A 64 21.61 -8.62 0.30
N LYS A 65 21.70 -7.35 0.66
CA LYS A 65 21.34 -7.01 2.05
C LYS A 65 19.78 -6.96 2.20
N THR A 66 19.30 -7.50 3.30
CA THR A 66 17.89 -7.46 3.65
C THR A 66 17.46 -6.05 3.92
N ILE A 67 16.31 -5.65 3.42
CA ILE A 67 15.76 -4.32 3.69
C ILE A 67 14.35 -4.55 4.26
N VAL A 68 14.02 -3.91 5.36
CA VAL A 68 12.74 -3.96 5.94
C VAL A 68 12.16 -2.55 5.78
N PHE A 69 10.97 -2.41 5.17
CA PHE A 69 10.43 -1.11 4.93
C PHE A 69 9.47 -0.81 6.04
N ARG A 70 9.47 0.46 6.46
CA ARG A 70 8.54 1.00 7.41
C ARG A 70 8.22 2.43 7.02
N GLY A 71 6.95 2.65 6.68
CA GLY A 71 6.58 3.90 6.00
C GLY A 71 5.20 4.39 6.31
N VAL A 72 4.72 5.34 5.50
CA VAL A 72 3.38 5.83 5.64
C VAL A 72 2.61 5.80 4.33
N ASN A 73 1.29 5.70 4.48
CA ASN A 73 0.31 5.98 3.45
C ASN A 73 0.09 7.50 3.38
N ILE A 74 0.12 8.09 2.20
CA ILE A 74 -0.47 9.41 2.14
C ILE A 74 -2.01 9.20 1.89
N SER A 75 -2.81 10.26 1.96
CA SER A 75 -4.17 10.17 1.43
C SER A 75 -4.07 10.17 -0.08
N ASP A 76 -5.19 10.03 -0.76
CA ASP A 76 -5.20 10.08 -2.23
C ASP A 76 -4.57 11.41 -2.77
N PRO A 77 -3.53 11.33 -3.64
CA PRO A 77 -3.05 12.61 -4.21
C PRO A 77 -4.24 13.60 -4.63
N ASP A 78 -5.35 13.03 -5.07
CA ASP A 78 -6.44 13.86 -5.47
C ASP A 78 -6.89 14.76 -4.27
N LYS A 79 -6.94 14.22 -3.05
CA LYS A 79 -7.36 14.97 -1.87
C LYS A 79 -6.29 16.01 -1.44
N ILE A 80 -5.02 15.58 -1.48
CA ILE A 80 -3.95 16.42 -1.09
C ILE A 80 -3.93 17.70 -1.98
N ASP A 81 -4.17 17.52 -3.29
CA ASP A 81 -4.21 18.61 -4.23
C ASP A 81 -5.42 19.55 -3.94
N LYS A 82 -6.60 18.97 -3.71
CA LYS A 82 -7.75 19.78 -3.34
C LYS A 82 -7.49 20.51 -2.05
N ASP A 83 -6.72 19.94 -1.12
CA ASP A 83 -6.38 20.60 0.15
C ASP A 83 -5.38 21.74 -0.10
N LYS A 84 -4.93 21.88 -1.33
CA LYS A 84 -3.89 22.88 -1.64
C LYS A 84 -2.63 22.54 -0.87
N ARG A 85 -2.34 21.26 -0.67
CA ARG A 85 -1.12 20.90 0.06
C ARG A 85 -0.22 20.05 -0.77
N PHE A 86 -0.47 20.01 -2.08
CA PHE A 86 0.26 19.06 -2.93
C PHE A 86 1.57 19.70 -3.38
N SER A 87 2.61 19.64 -2.54
CA SER A 87 3.93 20.09 -2.94
C SER A 87 5.01 19.20 -2.30
N LYS A 88 6.25 19.44 -2.66
CA LYS A 88 7.33 18.59 -2.21
C LYS A 88 7.48 18.68 -0.70
N LYS A 89 7.14 19.84 -0.14
CA LYS A 89 7.20 20.12 1.33
C LYS A 89 6.52 19.03 2.12
N HIS A 90 5.39 18.52 1.59
CA HIS A 90 4.56 17.57 2.37
C HIS A 90 5.37 16.29 2.40
N PHE A 91 6.00 15.93 1.28
CA PHE A 91 6.84 14.72 1.25
C PHE A 91 8.11 14.91 2.04
N GLU A 92 8.65 16.14 2.08
CA GLU A 92 9.81 16.38 2.96
C GLU A 92 9.45 16.13 4.42
N VAL A 93 8.23 16.46 4.86
CA VAL A 93 7.89 16.15 6.26
C VAL A 93 7.95 14.62 6.48
N ILE A 94 7.46 13.84 5.48
CA ILE A 94 7.43 12.39 5.56
C ILE A 94 8.86 11.91 5.73
N ARG A 95 9.75 12.47 4.94
CA ARG A 95 11.09 12.07 5.10
C ARG A 95 11.67 12.37 6.50
N SER A 96 11.29 13.48 7.09
CA SER A 96 11.86 13.76 8.42
C SER A 96 11.29 12.87 9.51
N TRP A 97 10.22 12.15 9.19
CA TRP A 97 9.59 11.19 10.17
C TRP A 97 10.34 9.83 10.05
N GLY A 98 11.31 9.73 9.14
CA GLY A 98 12.08 8.55 9.03
C GLY A 98 11.56 7.47 8.06
N ALA A 99 10.42 7.68 7.37
CA ALA A 99 9.84 6.64 6.48
C ALA A 99 10.76 6.30 5.37
N ASN A 100 10.86 5.03 5.03
CA ASN A 100 11.70 4.70 3.86
C ASN A 100 10.80 4.21 2.69
N VAL A 101 9.43 4.27 2.85
CA VAL A 101 8.54 3.94 1.77
C VAL A 101 7.26 4.76 1.93
N VAL A 102 6.58 5.08 0.82
CA VAL A 102 5.29 5.80 0.90
C VAL A 102 4.31 5.06 0.01
N ARG A 103 3.13 4.71 0.55
CA ARG A 103 2.07 4.01 -0.21
C ARG A 103 1.10 5.08 -0.70
N VAL A 104 0.71 4.99 -1.96
CA VAL A 104 -0.09 5.98 -2.67
C VAL A 104 -1.45 5.29 -2.97
N PRO A 105 -2.53 5.64 -2.21
CA PRO A 105 -3.84 4.93 -2.43
C PRO A 105 -4.69 5.60 -3.50
N VAL A 106 -4.53 5.17 -4.76
CA VAL A 106 -5.29 5.58 -5.85
C VAL A 106 -6.68 5.04 -5.85
N HIS A 107 -7.63 5.92 -5.58
CA HIS A 107 -9.04 5.51 -5.49
C HIS A 107 -9.65 5.50 -6.90
N PRO A 108 -10.34 4.41 -7.30
CA PRO A 108 -10.95 4.44 -8.62
C PRO A 108 -11.88 5.64 -8.84
N ARG A 109 -12.54 6.13 -7.79
CA ARG A 109 -13.37 7.34 -8.00
C ARG A 109 -12.50 8.58 -8.40
N ALA A 110 -11.31 8.73 -7.79
CA ALA A 110 -10.51 9.90 -8.11
C ALA A 110 -9.89 9.69 -9.50
N TRP A 111 -9.53 8.44 -9.84
CA TRP A 111 -9.00 8.19 -11.19
C TRP A 111 -10.05 8.59 -12.27
N LYS A 112 -11.33 8.27 -12.05
CA LYS A 112 -12.38 8.61 -12.98
C LYS A 112 -12.62 10.09 -12.95
N GLU A 113 -12.72 10.70 -11.78
CA GLU A 113 -12.98 12.13 -11.72
C GLU A 113 -11.84 12.97 -12.36
N ARG A 114 -10.56 12.66 -12.08
CA ARG A 114 -9.54 13.49 -12.74
C ARG A 114 -9.39 13.14 -14.20
N GLY A 115 -9.75 11.89 -14.55
CA GLY A 115 -9.33 11.27 -15.83
C GLY A 115 -7.89 10.81 -15.81
N VAL A 116 -7.53 9.97 -16.78
CA VAL A 116 -6.27 9.28 -16.80
C VAL A 116 -5.15 10.35 -16.85
N LYS A 117 -5.35 11.31 -17.76
CA LYS A 117 -4.35 12.31 -18.00
C LYS A 117 -4.15 13.23 -16.78
N GLY A 118 -5.26 13.76 -16.25
CA GLY A 118 -5.24 14.60 -15.05
C GLY A 118 -4.62 13.83 -13.84
N TYR A 119 -4.93 12.53 -13.73
CA TYR A 119 -4.54 11.79 -12.53
C TYR A 119 -3.04 11.50 -12.66
N LEU A 120 -2.58 11.01 -13.84
CA LEU A 120 -1.16 10.77 -14.03
C LEU A 120 -0.30 12.04 -13.79
N GLU A 121 -0.89 13.23 -13.95
CA GLU A 121 -0.11 14.41 -13.68
C GLU A 121 0.17 14.48 -12.18
N LEU A 122 -0.77 14.11 -11.30
CA LEU A 122 -0.49 14.07 -9.86
C LEU A 122 0.53 12.93 -9.56
N LEU A 123 0.23 11.74 -10.09
CA LEU A 123 0.91 10.54 -9.73
C LEU A 123 2.41 10.65 -10.15
N ASP A 124 2.69 11.13 -11.38
CA ASP A 124 4.09 11.41 -11.80
C ASP A 124 4.84 12.32 -10.79
N GLN A 125 4.14 13.31 -10.20
CA GLN A 125 4.78 14.22 -9.23
C GLN A 125 5.07 13.49 -7.92
N VAL A 126 4.12 12.67 -7.45
CA VAL A 126 4.43 11.91 -6.22
C VAL A 126 5.58 11.00 -6.52
N VAL A 127 5.57 10.33 -7.68
CA VAL A 127 6.68 9.38 -7.98
C VAL A 127 8.06 10.14 -7.99
N ALA A 128 8.09 11.33 -8.59
CA ALA A 128 9.32 12.06 -8.75
C ALA A 128 9.80 12.55 -7.41
N TRP A 129 8.89 13.10 -6.63
CA TRP A 129 9.25 13.62 -5.31
C TRP A 129 9.78 12.50 -4.48
N ASN A 130 9.08 11.37 -4.39
CA ASN A 130 9.59 10.26 -3.55
C ASN A 130 10.99 9.88 -4.04
N ASN A 131 11.14 9.74 -5.37
CA ASN A 131 12.43 9.36 -5.92
C ASN A 131 13.59 10.31 -5.46
N GLU A 132 13.39 11.62 -5.60
CA GLU A 132 14.44 12.62 -5.20
C GLU A 132 14.65 12.57 -3.67
N LEU A 133 13.66 12.18 -2.85
CA LEU A 133 13.86 12.17 -1.38
C LEU A 133 14.49 10.81 -0.94
N GLY A 134 14.71 9.90 -1.89
CA GLY A 134 15.32 8.61 -1.50
C GLY A 134 14.22 7.62 -1.00
N ILE A 135 12.92 7.88 -1.23
CA ILE A 135 11.87 7.09 -0.62
C ILE A 135 11.27 6.18 -1.66
N TYR A 136 11.04 4.91 -1.38
CA TYR A 136 10.40 3.99 -2.38
C TYR A 136 8.90 4.24 -2.43
N THR A 137 8.28 3.91 -3.57
CA THR A 137 6.85 4.14 -3.70
C THR A 137 6.09 2.82 -3.82
N ILE A 138 4.94 2.71 -3.16
CA ILE A 138 4.05 1.60 -3.43
C ILE A 138 2.83 2.18 -4.13
N LEU A 139 2.53 1.68 -5.33
CA LEU A 139 1.33 2.09 -6.05
C LEU A 139 0.28 1.13 -5.62
N ASP A 140 -0.80 1.71 -5.10
CA ASP A 140 -1.90 0.93 -4.51
C ASP A 140 -3.23 1.22 -5.25
N TRP A 141 -3.85 0.18 -5.83
CA TRP A 141 -5.12 0.39 -6.55
C TRP A 141 -6.18 0.24 -5.50
N HIS A 142 -6.65 1.38 -4.99
CA HIS A 142 -7.25 1.38 -3.66
C HIS A 142 -8.77 1.13 -3.70
N SER A 143 -9.17 -0.09 -3.96
CA SER A 143 -10.56 -0.46 -3.91
C SER A 143 -10.76 -1.50 -2.76
N ILE A 144 -12.03 -1.79 -2.46
CA ILE A 144 -12.39 -2.71 -1.36
C ILE A 144 -13.60 -3.54 -1.80
N GLY A 145 -13.50 -4.87 -1.77
CA GLY A 145 -14.58 -5.70 -2.14
C GLY A 145 -14.22 -6.84 -3.09
N ASN A 146 -15.18 -7.23 -3.89
CA ASN A 146 -15.06 -8.41 -4.71
C ASN A 146 -15.01 -7.95 -6.19
N LEU A 147 -13.80 -7.90 -6.73
CA LEU A 147 -13.52 -7.36 -8.07
C LEU A 147 -14.11 -8.35 -9.08
N LYS A 148 -13.95 -9.64 -8.81
CA LYS A 148 -14.48 -10.59 -9.75
C LYS A 148 -16.04 -10.37 -10.02
N SER A 149 -16.84 -10.06 -9.00
CA SER A 149 -18.30 -9.95 -9.23
C SER A 149 -18.69 -8.46 -9.32
N GLU A 150 -17.70 -7.55 -9.26
CA GLU A 150 -17.98 -6.10 -9.18
C GLU A 150 -18.89 -5.62 -8.08
N PHE A 152 -18.61 -3.69 -4.42
CA PHE A 152 -17.65 -3.02 -3.62
C PHE A 152 -18.22 -2.45 -2.39
N GLN A 153 -17.36 -2.15 -1.43
CA GLN A 153 -17.84 -1.67 -0.16
C GLN A 153 -18.65 -0.41 -0.33
N ASN A 154 -18.24 0.56 -1.13
CA ASN A 154 -19.16 1.61 -1.54
C ASN A 154 -18.70 2.24 -2.91
N ASN A 155 -19.41 3.19 -3.48
CA ASN A 155 -19.13 3.69 -4.84
C ASN A 155 -17.81 4.43 -5.02
N SER A 156 -17.30 4.92 -3.95
CA SER A 156 -15.99 5.43 -3.97
C SER A 156 -14.90 4.38 -4.49
N TYR A 157 -15.24 3.10 -4.29
CA TYR A 157 -14.29 2.06 -4.66
C TYR A 157 -14.66 1.32 -5.99
N HIS A 158 -15.76 1.72 -6.63
CA HIS A 158 -16.34 0.90 -7.71
C HIS A 158 -15.36 0.81 -8.86
N THR A 159 -15.03 -0.37 -9.38
CA THR A 159 -14.25 -0.39 -10.66
C THR A 159 -14.68 -1.70 -11.37
N THR A 160 -13.89 -2.07 -12.40
CA THR A 160 -14.05 -3.30 -13.12
C THR A 160 -12.68 -3.90 -13.33
N LYS A 161 -12.71 -5.19 -13.62
CA LYS A 161 -11.49 -5.90 -14.04
C LYS A 161 -10.76 -5.14 -15.20
N GLY A 162 -11.51 -4.65 -16.18
CA GLY A 162 -10.96 -3.97 -17.34
C GLY A 162 -10.27 -2.66 -16.91
N GLU A 163 -10.99 -1.87 -16.07
CA GLU A 163 -10.36 -0.62 -15.58
C GLU A 163 -9.09 -0.93 -14.73
N THR A 164 -9.15 -1.95 -13.90
CA THR A 164 -8.02 -2.32 -13.00
C THR A 164 -6.77 -2.75 -13.78
N PHE A 165 -7.00 -3.61 -14.78
CA PHE A 165 -5.93 -4.09 -15.67
C PHE A 165 -5.38 -2.92 -16.46
N ASP A 166 -6.28 -2.02 -16.90
CA ASP A 166 -5.83 -0.88 -17.69
C ASP A 166 -4.92 0.07 -16.81
N PHE A 167 -5.31 0.24 -15.58
CA PHE A 167 -4.50 1.05 -14.64
C PHE A 167 -3.11 0.41 -14.44
N TRP A 168 -3.06 -0.92 -14.25
CA TRP A 168 -1.77 -1.56 -13.99
C TRP A 168 -0.94 -1.47 -15.23
N ARG A 169 -1.61 -1.58 -16.38
CA ARG A 169 -0.88 -1.51 -17.61
C ARG A 169 -0.25 -0.12 -17.78
N ARG A 170 -1.00 0.96 -17.56
CA ARG A 170 -0.48 2.31 -17.78
C ARG A 170 0.64 2.61 -16.77
N VAL A 171 0.46 2.28 -15.48
CA VAL A 171 1.52 2.72 -14.54
C VAL A 171 2.74 1.86 -14.72
N SER A 172 2.62 0.56 -15.06
CA SER A 172 3.83 -0.25 -15.23
C SER A 172 4.59 0.12 -16.49
N GLU A 173 3.87 0.53 -17.51
CA GLU A 173 4.50 1.13 -18.67
C GLU A 173 5.20 2.42 -18.33
N ARG A 174 4.57 3.38 -17.65
CA ARG A 174 5.28 4.65 -17.54
C ARG A 174 6.39 4.66 -16.52
N TYR A 175 6.34 3.83 -15.50
CA TYR A 175 7.39 3.92 -14.50
C TYR A 175 8.43 2.82 -14.66
N ASN A 176 8.32 2.02 -15.70
CA ASN A 176 9.31 0.98 -15.98
C ASN A 176 10.76 1.50 -15.81
N GLY A 177 11.65 0.75 -15.19
CA GLY A 177 12.99 1.21 -15.06
C GLY A 177 13.20 2.34 -13.98
N ILE A 178 12.15 2.87 -13.31
CA ILE A 178 12.40 3.77 -12.16
C ILE A 178 12.39 2.96 -10.88
N ASN A 179 13.57 2.70 -10.35
CA ASN A 179 13.62 1.72 -9.26
C ASN A 179 12.82 2.14 -8.00
N SER A 180 12.73 3.45 -7.74
CA SER A 180 11.98 3.81 -6.58
C SER A 180 10.52 3.34 -6.70
N VAL A 181 9.98 3.16 -7.93
CA VAL A 181 8.59 2.69 -8.01
C VAL A 181 8.72 1.17 -7.91
N ALA A 182 8.90 0.66 -6.69
CA ALA A 182 9.34 -0.72 -6.55
C ALA A 182 8.12 -1.65 -6.42
N PHE A 183 7.00 -1.15 -5.86
CA PHE A 183 5.90 -2.05 -5.47
C PHE A 183 4.57 -1.70 -6.13
N TYR A 184 3.91 -2.72 -6.65
CA TYR A 184 2.63 -2.65 -7.30
C TYR A 184 1.61 -3.52 -6.59
N GLU A 185 0.72 -2.86 -5.79
CA GLU A 185 -0.18 -3.55 -4.88
C GLU A 185 -1.56 -3.68 -5.61
N ILE A 186 -1.84 -4.86 -6.17
CA ILE A 186 -2.85 -5.12 -7.16
C ILE A 186 -4.23 -4.62 -6.80
N PHE A 187 -4.63 -4.81 -5.54
CA PHE A 187 -6.01 -4.48 -5.17
C PHE A 187 -6.08 -4.43 -3.64
N ASN A 188 -6.27 -3.22 -3.14
CA ASN A 188 -6.14 -2.90 -1.73
C ASN A 188 -6.74 -3.95 -0.77
N GLU A 189 -8.05 -4.12 -0.71
CA GLU A 189 -8.65 -5.06 0.25
C GLU A 189 -9.73 -5.99 -0.37
N PRO A 190 -9.33 -7.21 -0.75
CA PRO A 190 -10.31 -8.17 -1.18
C PRO A 190 -11.18 -8.52 0.01
N THR A 191 -12.50 -8.45 -0.18
CA THR A 191 -13.42 -8.97 0.80
C THR A 191 -14.75 -9.40 0.16
N VAL A 192 -15.39 -10.47 0.63
CA VAL A 192 -16.77 -10.77 0.19
C VAL A 192 -17.81 -10.35 1.27
N PHE A 193 -17.32 -9.78 2.38
CA PHE A 193 -18.15 -9.35 3.48
C PHE A 193 -19.27 -10.39 3.78
N ASN A 194 -18.87 -11.62 4.04
CA ASN A 194 -19.69 -12.76 4.52
C ASN A 194 -20.78 -13.15 3.55
N GLY A 195 -20.53 -12.79 2.31
CA GLY A 195 -21.47 -13.03 1.27
C GLY A 195 -22.31 -11.81 0.85
N ARG A 196 -22.26 -10.70 1.59
CA ARG A 196 -22.98 -9.51 1.21
C ARG A 196 -22.40 -9.00 -0.13
N LEU A 197 -21.15 -9.36 -0.47
CA LEU A 197 -20.53 -8.92 -1.69
C LEU A 197 -20.18 -10.12 -2.54
N GLY A 198 -21.00 -11.19 -2.45
CA GLY A 198 -20.92 -12.24 -3.46
C GLY A 198 -19.98 -13.34 -3.03
N ILE A 199 -19.44 -14.01 -4.04
CA ILE A 199 -18.64 -15.20 -3.84
C ILE A 199 -17.36 -14.99 -4.69
N ALA A 200 -16.18 -15.30 -4.13
CA ALA A 200 -14.95 -15.27 -4.93
C ALA A 200 -13.98 -16.19 -4.17
N THR A 201 -13.63 -17.31 -4.76
CA THR A 201 -12.79 -18.24 -3.98
C THR A 201 -11.36 -17.73 -4.06
N TRP A 202 -10.48 -18.16 -3.17
CA TRP A 202 -8.99 -17.88 -3.29
C TRP A 202 -8.46 -18.29 -4.67
N ALA A 203 -8.88 -19.48 -5.14
CA ALA A 203 -8.46 -19.93 -6.52
C ALA A 203 -8.78 -18.94 -7.62
N GLU A 204 -9.99 -18.37 -7.56
CA GLU A 204 -10.34 -17.42 -8.60
C GLU A 204 -9.57 -16.10 -8.43
N TRP A 205 -9.33 -15.67 -7.17
CA TRP A 205 -8.62 -14.40 -6.91
C TRP A 205 -7.15 -14.66 -7.26
N LYS A 206 -6.63 -15.88 -7.02
CA LYS A 206 -5.23 -16.12 -7.51
C LYS A 206 -5.10 -15.89 -9.04
N ALA A 207 -6.08 -16.34 -9.81
CA ALA A 207 -6.00 -16.27 -11.28
C ALA A 207 -6.03 -14.82 -11.74
N ILE A 208 -6.87 -13.99 -11.08
CA ILE A 208 -6.93 -12.57 -11.40
C ILE A 208 -5.59 -11.84 -11.04
N ASN A 209 -5.04 -12.12 -9.85
CA ASN A 209 -3.75 -11.56 -9.47
C ASN A 209 -2.73 -12.08 -10.45
N GLU A 210 -2.81 -13.34 -10.91
CA GLU A 210 -1.74 -13.79 -11.86
C GLU A 210 -1.74 -13.00 -13.18
N GLU A 211 -2.90 -12.57 -13.63
CA GLU A 211 -3.02 -11.89 -14.93
C GLU A 211 -2.50 -10.47 -14.73
N ALA A 212 -2.95 -9.83 -13.65
CA ALA A 212 -2.40 -8.48 -13.29
C ALA A 212 -0.85 -8.56 -13.18
N ILE A 213 -0.30 -9.60 -12.53
CA ILE A 213 1.16 -9.71 -12.39
C ILE A 213 1.84 -9.87 -13.75
N THR A 214 1.25 -10.67 -14.66
CA THR A 214 1.81 -10.84 -15.98
C THR A 214 1.86 -9.49 -16.73
N ILE A 215 0.78 -8.68 -16.67
CA ILE A 215 0.72 -7.37 -17.34
C ILE A 215 1.83 -6.45 -16.81
N ILE A 216 2.01 -6.46 -15.47
CA ILE A 216 2.87 -5.55 -14.82
C ILE A 216 4.31 -6.00 -15.15
N GLN A 217 4.61 -7.29 -15.01
CA GLN A 217 5.97 -7.77 -15.30
C GLN A 217 6.35 -7.63 -16.76
N ALA A 218 5.38 -7.71 -17.67
CA ALA A 218 5.65 -7.57 -19.11
C ALA A 218 5.99 -6.13 -19.43
N HIS A 219 5.49 -5.16 -18.65
CA HIS A 219 5.89 -3.75 -18.89
C HIS A 219 7.13 -3.36 -18.15
N ASN A 220 7.28 -3.90 -16.92
CA ASN A 220 8.30 -3.50 -15.97
C ASN A 220 8.92 -4.69 -15.25
N PRO A 221 9.98 -5.28 -15.78
CA PRO A 221 10.50 -6.53 -15.30
C PRO A 221 11.02 -6.44 -13.88
N LYS A 222 11.42 -5.27 -13.39
CA LYS A 222 11.82 -5.24 -11.97
C LYS A 222 10.64 -5.04 -10.97
N ALA A 223 9.39 -4.85 -11.46
CA ALA A 223 8.27 -4.62 -10.56
C ALA A 223 8.05 -5.77 -9.58
N ILE A 224 7.82 -5.41 -8.31
CA ILE A 224 7.42 -6.42 -7.29
C ILE A 224 5.87 -6.29 -7.03
N ALA A 225 5.09 -7.33 -7.24
CA ALA A 225 3.62 -7.20 -7.03
C ALA A 225 3.33 -7.55 -5.55
N LEU A 226 2.36 -6.86 -4.94
CA LEU A 226 1.92 -7.22 -3.56
C LEU A 226 0.48 -7.73 -3.67
N VAL A 227 0.28 -8.98 -3.22
CA VAL A 227 -0.98 -9.72 -3.36
C VAL A 227 -1.66 -9.96 -1.98
N ALA A 228 -2.97 -9.77 -1.93
CA ALA A 228 -3.74 -9.90 -0.66
C ALA A 228 -4.78 -10.97 -0.77
N GLY A 229 -5.19 -11.44 0.41
CA GLY A 229 -6.29 -12.34 0.53
C GLY A 229 -7.50 -11.63 1.14
N PHE A 230 -8.36 -12.48 1.69
CA PHE A 230 -9.71 -12.02 2.05
C PHE A 230 -9.75 -11.49 3.48
N ASN A 231 -10.98 -11.22 3.92
CA ASN A 231 -11.23 -10.54 5.20
C ASN A 231 -10.49 -9.20 5.17
N TRP A 232 -10.68 -8.49 4.05
CA TRP A 232 -10.12 -7.15 3.86
C TRP A 232 -8.59 -7.24 3.91
N ALA A 233 -8.00 -8.08 3.09
CA ALA A 233 -6.51 -8.20 2.98
C ALA A 233 -5.92 -8.57 4.36
N TYR A 234 -6.58 -9.44 5.12
CA TYR A 234 -6.04 -9.77 6.44
C TYR A 234 -5.47 -11.16 6.42
N ASP A 235 -6.21 -12.11 5.81
CA ASP A 235 -5.87 -13.51 5.83
C ASP A 235 -4.84 -13.91 4.80
N LEU A 236 -3.88 -14.73 5.22
CA LEU A 236 -2.95 -15.35 4.28
C LEU A 236 -2.97 -16.88 4.35
N LYS A 237 -3.89 -17.48 5.12
CA LYS A 237 -3.94 -18.96 5.14
C LYS A 237 -4.33 -19.52 3.78
N GLU A 238 -5.24 -18.88 3.04
CA GLU A 238 -5.60 -19.51 1.76
C GLU A 238 -4.46 -19.36 0.73
N ALA A 239 -3.77 -18.21 0.74
CA ALA A 239 -2.60 -17.99 -0.10
C ALA A 239 -1.53 -19.02 0.22
N ALA A 240 -1.30 -19.28 1.51
CA ALA A 240 -0.25 -20.24 1.83
C ALA A 240 -0.56 -21.62 1.20
N ALA A 241 -1.82 -22.01 1.19
CA ALA A 241 -2.18 -23.37 0.76
C ALA A 241 -2.17 -23.37 -0.70
N ASN A 242 -2.15 -22.21 -1.36
CA ASN A 242 -2.22 -22.28 -2.86
C ASN A 242 -1.66 -20.99 -3.49
N PRO A 243 -0.33 -20.83 -3.38
CA PRO A 243 0.37 -19.54 -3.62
C PRO A 243 0.34 -19.12 -5.08
N ILE A 244 0.46 -17.80 -5.28
CA ILE A 244 0.46 -17.18 -6.60
C ILE A 244 1.65 -17.82 -7.33
N ASP A 245 1.46 -18.20 -8.58
CA ASP A 245 2.47 -18.86 -9.36
C ASP A 245 3.30 -17.87 -10.23
N ARG A 246 3.97 -16.95 -9.57
CA ARG A 246 4.68 -15.89 -10.28
C ARG A 246 5.91 -15.68 -9.41
N GLN A 247 6.97 -15.07 -9.92
CA GLN A 247 8.12 -14.78 -9.00
C GLN A 247 8.09 -13.35 -8.56
N ASN A 248 9.00 -13.00 -7.65
CA ASN A 248 9.21 -11.60 -7.21
C ASN A 248 7.91 -10.98 -6.70
N ILE A 249 7.25 -11.64 -5.75
CA ILE A 249 5.88 -11.35 -5.30
C ILE A 249 6.02 -11.20 -3.78
N ALA A 250 5.21 -10.40 -3.13
CA ALA A 250 5.16 -10.52 -1.68
C ALA A 250 3.70 -10.41 -1.31
N TYR A 251 3.36 -10.64 -0.05
CA TYR A 251 1.96 -10.81 0.35
C TYR A 251 1.60 -9.76 1.33
N VAL A 252 0.29 -9.41 1.33
CA VAL A 252 -0.20 -8.30 2.11
C VAL A 252 -1.04 -8.76 3.29
N SER A 253 -0.93 -8.04 4.39
CA SER A 253 -1.91 -8.20 5.46
C SER A 253 -2.22 -6.85 6.07
N HIS A 254 -3.47 -6.65 6.49
CA HIS A 254 -3.89 -5.36 7.10
C HIS A 254 -4.36 -5.71 8.52
N PRO A 255 -3.42 -6.04 9.46
CA PRO A 255 -3.87 -6.56 10.76
C PRO A 255 -4.13 -5.39 11.74
N TYR A 256 -5.18 -4.62 11.48
CA TYR A 256 -5.69 -3.61 12.41
C TYR A 256 -6.02 -4.12 13.83
N PRO A 257 -6.06 -3.22 14.80
CA PRO A 257 -6.22 -3.69 16.22
C PRO A 257 -7.40 -4.63 16.53
N GLN A 258 -8.54 -4.44 15.88
CA GLN A 258 -9.70 -5.33 16.19
C GLN A 258 -9.90 -6.48 15.20
N LYS A 259 -8.97 -6.75 14.29
CA LYS A 259 -9.15 -7.93 13.45
C LYS A 259 -9.31 -9.19 14.32
N VAL A 260 -8.55 -9.30 15.41
CA VAL A 260 -8.64 -10.52 16.29
C VAL A 260 -8.38 -9.97 17.67
N GLY A 261 -8.70 -10.68 18.77
CA GLY A 261 -8.30 -10.15 20.10
C GLY A 261 -7.21 -11.01 20.69
N ALA A 262 -7.23 -11.12 22.01
CA ALA A 262 -7.21 -12.54 22.78
C ALA A 262 -5.82 -12.64 22.73
N PRO A 263 -5.19 -13.83 22.52
CA PRO A 263 -3.69 -13.63 22.49
C PRO A 263 -3.31 -13.08 21.10
N TYR A 264 -2.93 -11.81 21.07
CA TYR A 264 -2.71 -11.10 19.76
C TYR A 264 -1.66 -11.72 18.86
N GLN A 265 -0.46 -11.96 19.40
CA GLN A 265 0.63 -12.39 18.54
C GLN A 265 0.38 -13.76 18.02
N ALA A 266 -0.11 -14.65 18.88
CA ALA A 266 -0.33 -16.01 18.47
C ALA A 266 -1.44 -15.97 17.36
N ASN A 267 -2.44 -15.08 17.50
CA ASN A 267 -3.48 -15.06 16.48
C ASN A 267 -2.91 -14.49 15.12
N TRP A 268 -2.14 -13.39 15.21
CA TRP A 268 -1.52 -12.80 14.02
C TRP A 268 -0.62 -13.82 13.33
N GLU A 269 0.13 -14.57 14.08
CA GLU A 269 1.07 -15.51 13.50
C GLU A 269 0.27 -16.60 12.76
N ARG A 270 -0.83 -17.01 13.34
CA ARG A 270 -1.64 -18.02 12.70
C ARG A 270 -2.30 -17.53 11.38
N ASP A 271 -2.82 -16.30 11.40
CA ASP A 271 -3.60 -15.79 10.27
C ASP A 271 -2.74 -15.28 9.11
N PHE A 272 -1.54 -14.71 9.41
CA PHE A 272 -0.74 -14.14 8.33
C PHE A 272 0.75 -14.11 8.62
N GLY A 273 1.14 -13.93 9.87
CA GLY A 273 2.54 -13.81 10.23
C GLY A 273 3.41 -14.99 9.81
N PHE A 274 2.89 -16.22 9.89
CA PHE A 274 3.71 -17.43 9.60
C PHE A 274 4.09 -17.36 8.14
N ALA A 276 5.46 -15.11 6.61
CA ALA A 276 6.66 -14.31 6.44
C ALA A 276 7.89 -15.21 6.58
N ASP A 277 7.71 -16.45 7.03
CA ASP A 277 8.85 -17.38 6.99
C ASP A 277 9.11 -17.88 5.60
N LYS A 278 8.21 -17.64 4.65
CA LYS A 278 8.40 -18.23 3.32
C LYS A 278 8.46 -17.16 2.18
N TYR A 279 7.66 -16.07 2.30
CA TYR A 279 7.61 -15.00 1.32
C TYR A 279 7.69 -13.71 2.16
N PRO A 280 8.15 -12.59 1.61
CA PRO A 280 8.07 -11.40 2.43
C PRO A 280 6.59 -11.02 2.66
N VAL A 281 6.26 -10.41 3.80
CA VAL A 281 4.92 -9.95 4.04
C VAL A 281 5.07 -8.42 4.23
N PHE A 282 4.22 -7.68 3.53
CA PHE A 282 4.19 -6.26 3.63
C PHE A 282 2.83 -5.87 4.25
N ALA A 283 2.83 -5.34 5.49
CA ALA A 283 1.62 -5.07 6.15
C ALA A 283 1.25 -3.63 5.77
N THR A 284 0.59 -3.50 4.62
CA THR A 284 0.51 -2.19 3.98
C THR A 284 -0.49 -1.19 4.65
N GLU A 285 -1.26 -1.63 5.66
CA GLU A 285 -1.94 -0.72 6.56
C GLU A 285 -1.88 -1.28 7.96
N ILE A 286 -1.49 -0.43 8.93
CA ILE A 286 -1.75 -0.69 10.36
C ILE A 286 -1.99 0.74 10.91
N GLY A 287 -2.74 0.84 12.00
CA GLY A 287 -3.02 2.14 12.56
C GLY A 287 -4.00 1.90 13.70
N TYR A 288 -4.13 2.92 14.57
CA TYR A 288 -5.04 2.78 15.72
C TYR A 288 -5.36 4.15 16.31
N GLN A 289 -6.49 4.26 16.99
CA GLN A 289 -6.83 5.53 17.72
C GLN A 289 -7.84 5.16 18.83
N ARG A 290 -8.05 6.06 19.80
CA ARG A 290 -8.91 5.71 20.93
CA ARG A 290 -8.93 5.79 20.94
C ARG A 290 -10.38 5.76 20.44
N ALA A 291 -11.29 5.10 21.18
CA ALA A 291 -12.75 5.13 20.89
C ALA A 291 -13.29 6.55 20.67
N THR A 292 -12.75 7.51 21.41
CA THR A 292 -13.19 8.90 21.31
C THR A 292 -12.47 9.74 20.26
N ASP A 293 -11.48 9.23 19.54
CA ASP A 293 -10.72 10.11 18.61
C ASP A 293 -11.57 10.39 17.37
N LYS A 294 -11.14 11.39 16.60
CA LYS A 294 -11.82 11.76 15.33
C LYS A 294 -11.99 10.65 14.22
N GLY A 295 -13.25 10.33 13.89
CA GLY A 295 -13.59 9.28 12.90
C GLY A 295 -13.39 7.83 13.41
N ALA A 296 -13.23 7.66 14.73
CA ALA A 296 -12.93 6.33 15.32
C ALA A 296 -13.93 5.26 14.83
N HIS A 297 -13.51 4.10 14.32
CA HIS A 297 -14.49 3.12 13.79
C HIS A 297 -13.81 1.76 13.92
N ILE A 298 -14.58 0.68 13.93
CA ILE A 298 -14.03 -0.68 13.94
C ILE A 298 -13.40 -0.82 12.55
N PRO A 299 -12.23 -1.47 12.45
CA PRO A 299 -11.39 -2.19 13.38
C PRO A 299 -10.17 -1.46 13.93
N VAL A 300 -10.19 -0.13 14.07
CA VAL A 300 -8.99 0.61 14.36
C VAL A 300 -8.97 1.18 15.79
N ILE A 301 -9.95 0.81 16.59
CA ILE A 301 -10.06 1.36 17.91
C ILE A 301 -9.19 0.60 18.92
N ASP A 302 -8.47 1.33 19.76
CA ASP A 302 -7.57 0.69 20.67
C ASP A 302 -7.13 1.63 21.79
N ASP A 303 -6.71 1.10 22.94
CA ASP A 303 -6.20 1.96 24.03
C ASP A 303 -4.77 2.53 23.75
N GLY A 304 -4.04 2.00 22.76
CA GLY A 304 -2.72 2.50 22.51
C GLY A 304 -1.68 1.41 22.68
N SER A 305 -1.99 0.30 23.34
CA SER A 305 -0.97 -0.70 23.59
C SER A 305 -0.74 -1.49 22.27
N TYR A 306 -1.67 -1.37 21.33
CA TYR A 306 -1.44 -2.04 20.05
C TYR A 306 -0.19 -1.54 19.28
N GLY A 307 0.14 -0.25 19.35
CA GLY A 307 1.28 0.29 18.56
C GLY A 307 2.64 -0.45 18.84
N PRO A 308 3.17 -0.33 20.09
CA PRO A 308 4.37 -1.09 20.49
C PRO A 308 4.16 -2.56 20.23
N ARG A 309 2.97 -3.08 20.47
CA ARG A 309 2.88 -4.54 20.39
C ARG A 309 3.05 -4.95 18.92
N ILE A 310 2.47 -4.18 18.00
CA ILE A 310 2.55 -4.63 16.58
C ILE A 310 3.95 -4.34 15.94
N THR A 311 4.61 -3.23 16.29
CA THR A 311 5.92 -2.95 15.68
C THR A 311 6.95 -3.91 16.34
N ASP A 312 6.80 -4.26 17.65
CA ASP A 312 7.67 -5.32 18.18
C ASP A 312 7.46 -6.68 17.46
N TYR A 313 6.21 -7.08 17.35
CA TYR A 313 5.91 -8.33 16.67
C TYR A 313 6.48 -8.32 15.21
N PHE A 314 6.26 -7.23 14.46
CA PHE A 314 6.83 -7.14 13.11
C PHE A 314 8.38 -7.19 13.14
N ASN A 315 9.01 -6.60 14.17
CA ASN A 315 10.45 -6.72 14.23
C ASN A 315 10.83 -8.20 14.52
N SER A 316 10.01 -8.92 15.27
CA SER A 316 10.33 -10.27 15.60
C SER A 316 10.22 -11.13 14.34
N LYS A 317 9.48 -10.72 13.28
CA LYS A 317 9.21 -11.58 12.13
C LYS A 317 9.93 -11.03 10.90
N GLY A 318 10.52 -9.84 11.01
CA GLY A 318 11.16 -9.20 9.82
C GLY A 318 10.16 -8.61 8.82
N ILE A 319 8.94 -8.32 9.31
CA ILE A 319 7.82 -7.91 8.43
C ILE A 319 7.85 -6.41 8.13
N SER A 320 7.74 -6.02 6.85
CA SER A 320 7.68 -4.59 6.46
C SER A 320 6.27 -4.03 6.74
N TRP A 321 6.12 -2.72 6.90
CA TRP A 321 4.79 -2.20 7.15
C TRP A 321 4.60 -0.74 6.80
N VAL A 322 3.33 -0.28 6.74
CA VAL A 322 3.08 1.07 6.30
C VAL A 322 1.93 1.53 7.17
N ALA A 323 2.07 2.66 7.90
CA ALA A 323 1.01 3.10 8.83
C ALA A 323 -0.03 3.83 8.03
N TRP A 324 -1.27 3.83 8.48
CA TRP A 324 -2.37 4.55 7.83
C TRP A 324 -2.89 5.61 8.82
N VAL A 325 -2.99 6.91 8.54
CA VAL A 325 -2.76 7.54 7.25
C VAL A 325 -2.14 8.93 7.57
N PHE A 326 -1.14 9.33 6.76
CA PHE A 326 -0.50 10.60 6.90
C PHE A 326 -1.38 11.73 6.34
N ASP A 327 -2.41 12.07 7.07
CA ASP A 327 -3.45 13.01 6.58
C ASP A 327 -4.17 13.50 7.86
N PRO A 328 -4.67 14.76 7.91
CA PRO A 328 -5.31 15.18 9.22
C PRO A 328 -6.81 14.89 9.25
N ASP A 329 -7.37 14.41 8.12
CA ASP A 329 -8.83 14.13 8.10
C ASP A 329 -9.14 12.63 8.08
N TRP A 330 -8.60 11.86 7.13
CA TRP A 330 -8.88 10.43 7.11
C TRP A 330 -8.45 9.77 8.41
N SER A 331 -9.20 8.76 8.79
CA SER A 331 -9.11 8.16 10.07
C SER A 331 -8.46 6.76 9.95
N PRO A 332 -7.51 6.41 10.84
CA PRO A 332 -7.05 7.20 11.94
C PRO A 332 -5.93 8.09 11.47
N GLN A 333 -5.84 9.31 12.02
CA GLN A 333 -4.93 10.33 11.54
C GLN A 333 -3.54 10.09 12.13
N LEU A 334 -2.49 10.30 11.35
CA LEU A 334 -1.09 10.27 11.88
C LEU A 334 -0.65 11.67 12.43
N PHE A 335 -1.31 12.75 12.01
CA PHE A 335 -0.99 14.04 12.55
C PHE A 335 -2.26 14.91 12.62
N THR A 336 -2.24 16.02 13.36
CA THR A 336 -3.51 16.74 13.72
C THR A 336 -3.91 17.81 12.67
N ASP A 337 -2.98 18.52 12.06
CA ASP A 337 -3.38 19.57 11.09
C ASP A 337 -2.16 19.86 10.24
N TYR A 338 -2.38 20.43 9.05
CA TYR A 338 -1.31 20.81 8.15
C TYR A 338 -0.39 21.93 8.69
N GLN A 339 -0.91 22.78 9.59
CA GLN A 339 -0.13 23.94 10.09
C GLN A 339 1.08 23.43 10.83
N THR A 340 0.93 22.35 11.61
CA THR A 340 1.97 21.91 12.51
C THR A 340 2.45 20.51 12.20
N TYR A 341 1.64 19.68 11.52
CA TYR A 341 1.97 18.25 11.37
C TYR A 341 2.25 17.60 12.75
N THR A 342 1.56 18.06 13.77
CA THR A 342 1.78 17.50 15.08
C THR A 342 1.34 16.00 15.12
N PRO A 343 2.24 15.08 15.52
CA PRO A 343 1.81 13.69 15.51
C PRO A 343 0.71 13.42 16.50
N THR A 344 -0.25 12.57 16.13
CA THR A 344 -1.17 12.00 17.12
C THR A 344 -0.50 10.89 17.92
N GLN A 346 -0.73 7.63 17.61
CA GLN A 346 -0.16 6.58 16.76
C GLN A 346 0.93 7.23 15.91
N GLY A 347 0.74 8.50 15.54
CA GLY A 347 1.80 9.15 14.75
C GLY A 347 3.13 9.19 15.52
N GLU A 348 3.05 9.49 16.80
CA GLU A 348 4.22 9.64 17.66
C GLU A 348 4.99 8.33 17.78
N HIS A 349 4.25 7.26 17.93
CA HIS A 349 4.84 5.95 18.04
C HIS A 349 5.45 5.44 16.71
N PHE A 350 4.72 5.57 15.60
CA PHE A 350 5.24 5.05 14.35
C PHE A 350 6.40 5.93 13.94
N ARG A 351 6.32 7.25 14.16
CA ARG A 351 7.47 8.11 13.82
C ARG A 351 8.77 7.73 14.60
N LYS A 352 8.62 7.49 15.89
CA LYS A 352 9.72 7.09 16.72
C LYS A 352 10.34 5.75 16.23
N VAL A 353 9.53 4.76 15.94
CA VAL A 353 10.03 3.49 15.44
C VAL A 353 10.62 3.57 14.01
N LEU A 355 12.22 6.23 12.75
CA LEU A 355 13.47 6.95 12.90
C LEU A 355 14.52 5.95 13.47
N GLN A 356 14.07 5.14 14.41
CA GLN A 356 14.94 4.28 15.14
C GLN A 356 15.30 2.98 14.37
N ASP A 357 14.33 2.28 13.75
CA ASP A 357 14.54 0.93 13.18
C ASP A 357 14.92 0.86 11.68
N ASN A 358 14.59 1.90 10.88
CA ASN A 358 14.96 1.89 9.45
C ASN A 358 16.45 2.01 9.23
N LYS A 359 17.06 1.21 8.35
CA LYS A 359 18.55 1.02 8.26
C LYS A 359 19.25 1.67 7.07
#